data_7NLC
#
_entry.id   7NLC
#
_cell.length_a   42.570
_cell.length_b   42.570
_cell.length_c   188.160
_cell.angle_alpha   90.000
_cell.angle_beta   90.000
_cell.angle_gamma   90.000
#
_symmetry.space_group_name_H-M   'P 41 21 2'
#
loop_
_entity.id
_entity.type
_entity.pdbx_description
1 polymer 'Tsg101 UEV domain'
2 polymer 'Protein ORF3'
3 non-polymer 'CHLORIDE ION'
4 non-polymer 'SULFATE ION'
5 non-polymer 'AMMONIUM ION'
6 water water
#
loop_
_entity_poly.entity_id
_entity_poly.type
_entity_poly.pdbx_seq_one_letter_code
_entity_poly.pdbx_strand_id
1 'polypeptide(L)'
;GAMAVSESQLKKMVSKYKYRDLTVRETVNVITLYKDLKPVLDSYVFNDGSSRELMNLTGTIPVPYRGNTYNIPICLWLLD
TYPYNPPICFVKPTSSMTIKTGKHVDANGKIYLPYLHEWKHPQSDLLGLIQVMIVVFGDEPPVFSRP
;
A
2 'polypeptide(L)' TSPSAPPLPP B
#
# COMPACT_ATOMS: atom_id res chain seq x y z
N ALA A 4 8.18 -12.04 3.78
CA ALA A 4 9.26 -11.03 3.64
C ALA A 4 9.95 -10.80 4.99
N VAL A 5 9.23 -10.90 6.12
CA VAL A 5 9.77 -10.88 7.52
C VAL A 5 8.98 -11.90 8.37
N SER A 6 9.54 -12.37 9.48
CA SER A 6 8.91 -13.39 10.36
C SER A 6 7.78 -12.77 11.17
N GLU A 7 6.80 -13.58 11.58
CA GLU A 7 5.71 -13.14 12.48
C GLU A 7 6.34 -12.51 13.73
N SER A 8 7.42 -13.08 14.29
CA SER A 8 8.02 -12.55 15.55
C SER A 8 8.63 -11.16 15.30
N GLN A 9 9.36 -10.98 14.20
CA GLN A 9 9.92 -9.65 13.83
CA GLN A 9 9.92 -9.67 13.74
C GLN A 9 8.80 -8.65 13.53
N LEU A 10 7.72 -9.08 12.87
CA LEU A 10 6.57 -8.18 12.61
C LEU A 10 6.00 -7.68 13.93
N LYS A 11 5.85 -8.57 14.93
CA LYS A 11 5.30 -8.22 16.27
C LYS A 11 6.16 -7.16 16.93
N LYS A 12 7.46 -7.27 16.78
CA LYS A 12 8.41 -6.30 17.41
C LYS A 12 8.31 -4.96 16.65
N MET A 13 8.21 -5.01 15.32
CA MET A 13 8.04 -3.78 14.51
C MET A 13 6.83 -2.98 15.00
N VAL A 14 5.74 -3.64 15.37
CA VAL A 14 4.51 -2.94 15.83
C VAL A 14 4.42 -2.93 17.37
N SER A 15 5.55 -2.94 18.08
CA SER A 15 5.56 -2.98 19.57
C SER A 15 4.82 -1.78 20.18
N LYS A 16 4.81 -0.62 19.52
CA LYS A 16 4.23 0.63 20.07
C LYS A 16 2.78 0.81 19.59
N TYR A 17 2.23 -0.18 18.87
CA TYR A 17 0.85 -0.14 18.36
C TYR A 17 -0.11 -0.50 19.48
N LYS A 18 -1.30 0.04 19.37
CA LYS A 18 -2.36 -0.10 20.40
C LYS A 18 -3.00 -1.49 20.28
N TYR A 19 -3.11 -2.03 19.07
CA TYR A 19 -3.75 -3.35 18.78
C TYR A 19 -2.81 -4.21 17.95
N ARG A 20 -1.80 -4.74 18.61
CA ARG A 20 -0.69 -5.53 18.01
C ARG A 20 -1.19 -6.85 17.43
N ASP A 21 -1.92 -7.68 18.17
CA ASP A 21 -2.37 -8.99 17.64
C ASP A 21 -3.20 -8.74 16.37
N LEU A 22 -4.14 -7.80 16.38
CA LEU A 22 -5.02 -7.50 15.21
C LEU A 22 -4.14 -7.01 14.06
N THR A 23 -3.18 -6.14 14.33
CA THR A 23 -2.37 -5.51 13.24
C THR A 23 -1.47 -6.60 12.65
N VAL A 24 -0.84 -7.42 13.48
CA VAL A 24 0.03 -8.52 13.00
C VAL A 24 -0.82 -9.46 12.14
N ARG A 25 -1.99 -9.87 12.61
CA ARG A 25 -2.76 -10.91 11.92
C ARG A 25 -3.17 -10.39 10.54
N GLU A 26 -3.66 -9.16 10.46
CA GLU A 26 -4.16 -8.63 9.16
C GLU A 26 -2.98 -8.44 8.23
N THR A 27 -1.81 -8.05 8.73
CA THR A 27 -0.60 -7.84 7.92
C THR A 27 -0.12 -9.19 7.40
N VAL A 28 0.03 -10.20 8.24
CA VAL A 28 0.45 -11.54 7.78
C VAL A 28 -0.52 -12.02 6.68
N ASN A 29 -1.82 -11.79 6.85
CA ASN A 29 -2.83 -12.31 5.89
C ASN A 29 -2.52 -11.73 4.51
N VAL A 30 -1.94 -10.53 4.45
CA VAL A 30 -1.54 -9.96 3.12
C VAL A 30 -0.15 -10.44 2.70
N ILE A 31 0.87 -10.36 3.56
CA ILE A 31 2.26 -10.62 3.09
C ILE A 31 2.51 -12.12 2.84
N THR A 32 1.68 -13.01 3.38
CA THR A 32 1.76 -14.45 3.04
C THR A 32 1.27 -14.68 1.61
N LEU A 33 0.34 -13.86 1.09
CA LEU A 33 -0.14 -14.00 -0.28
C LEU A 33 0.66 -13.11 -1.26
N TYR A 34 1.09 -11.94 -0.81
CA TYR A 34 1.74 -10.89 -1.65
C TYR A 34 3.19 -10.73 -1.22
N LYS A 35 4.03 -11.61 -1.77
CA LYS A 35 5.41 -11.82 -1.27
C LYS A 35 6.30 -10.63 -1.65
N ASP A 36 5.83 -9.72 -2.53
CA ASP A 36 6.62 -8.54 -2.93
C ASP A 36 6.22 -7.34 -2.08
N LEU A 37 5.41 -7.52 -1.04
CA LEU A 37 5.17 -6.47 -0.02
C LEU A 37 5.93 -6.84 1.23
N LYS A 38 6.62 -5.87 1.77
CA LYS A 38 7.49 -6.08 2.94
C LYS A 38 7.15 -5.03 3.97
N PRO A 39 7.00 -5.43 5.26
CA PRO A 39 6.83 -4.48 6.35
C PRO A 39 8.14 -3.74 6.66
N VAL A 40 8.02 -2.43 6.80
CA VAL A 40 9.14 -1.48 7.01
C VAL A 40 8.71 -0.54 8.12
N LEU A 41 9.60 -0.28 9.09
CA LEU A 41 9.39 0.78 10.10
C LEU A 41 10.06 2.07 9.61
N ASP A 42 9.31 3.14 9.44
CA ASP A 42 9.85 4.44 8.93
CA ASP A 42 9.85 4.43 8.94
C ASP A 42 9.09 5.57 9.59
N SER A 43 9.63 6.78 9.48
CA SER A 43 9.02 8.01 10.03
C SER A 43 7.96 8.46 9.03
N TYR A 44 6.70 8.48 9.47
CA TYR A 44 5.58 9.05 8.71
C TYR A 44 5.35 10.51 9.07
N VAL A 45 5.25 11.33 8.04
CA VAL A 45 4.94 12.77 8.18
C VAL A 45 3.48 12.97 7.87
N PHE A 46 2.72 13.43 8.85
CA PHE A 46 1.32 13.82 8.68
C PHE A 46 1.28 15.12 7.88
N ASN A 47 0.12 15.39 7.28
CA ASN A 47 -0.10 16.55 6.39
C ASN A 47 0.18 17.85 7.16
N ASP A 48 0.03 17.85 8.49
CA ASP A 48 0.25 19.04 9.37
C ASP A 48 1.72 19.17 9.79
N GLY A 49 2.57 18.21 9.42
CA GLY A 49 4.04 18.27 9.62
C GLY A 49 4.52 17.52 10.85
N SER A 50 3.61 17.07 11.73
CA SER A 50 3.98 16.17 12.86
C SER A 50 4.37 14.81 12.26
N SER A 51 5.03 13.97 13.05
CA SER A 51 5.53 12.67 12.56
C SER A 51 5.51 11.61 13.68
N ARG A 52 5.40 10.35 13.28
CA ARG A 52 5.38 9.18 14.17
C ARG A 52 6.10 8.04 13.46
N GLU A 53 6.80 7.21 14.21
CA GLU A 53 7.44 6.03 13.61
C GLU A 53 6.35 4.97 13.40
N LEU A 54 6.07 4.62 12.14
CA LEU A 54 4.97 3.69 11.80
C LEU A 54 5.49 2.57 10.90
N MET A 55 4.80 1.43 10.99
CA MET A 55 5.01 0.31 10.06
CA MET A 55 5.00 0.31 10.05
C MET A 55 4.22 0.60 8.77
N ASN A 56 4.86 0.40 7.65
CA ASN A 56 4.14 0.41 6.37
C ASN A 56 4.44 -0.89 5.64
N LEU A 57 3.62 -1.19 4.66
N LEU A 57 3.62 -1.21 4.63
CA LEU A 57 3.93 -2.23 3.67
CA LEU A 57 3.89 -2.30 3.67
C LEU A 57 4.46 -1.49 2.45
C LEU A 57 4.38 -1.66 2.36
N THR A 58 5.67 -1.80 2.03
CA THR A 58 6.28 -1.23 0.84
C THR A 58 6.57 -2.37 -0.13
N GLY A 59 6.31 -2.16 -1.43
CA GLY A 59 6.66 -3.12 -2.46
C GLY A 59 5.69 -3.01 -3.62
N THR A 60 5.46 -4.13 -4.28
CA THR A 60 4.60 -4.18 -5.46
C THR A 60 3.48 -5.18 -5.27
N ILE A 61 2.44 -4.89 -5.99
CA ILE A 61 1.28 -5.81 -6.17
C ILE A 61 1.11 -6.10 -7.66
N PRO A 62 0.69 -7.32 -8.02
CA PRO A 62 0.54 -7.71 -9.42
C PRO A 62 -0.81 -7.24 -9.95
N VAL A 63 -0.82 -6.49 -11.03
CA VAL A 63 -2.03 -5.87 -11.60
C VAL A 63 -2.15 -6.27 -13.06
N PRO A 64 -3.25 -6.88 -13.51
CA PRO A 64 -3.42 -7.31 -14.88
C PRO A 64 -3.89 -6.10 -15.66
N TYR A 65 -3.36 -5.98 -16.89
CA TYR A 65 -3.71 -4.89 -17.79
C TYR A 65 -3.40 -5.26 -19.24
N ARG A 66 -4.44 -5.40 -20.04
CA ARG A 66 -4.33 -5.70 -21.50
C ARG A 66 -3.58 -7.01 -21.70
N GLY A 67 -3.76 -8.00 -20.86
CA GLY A 67 -3.16 -9.32 -20.99
C GLY A 67 -1.78 -9.44 -20.41
N ASN A 68 -1.23 -8.32 -19.91
CA ASN A 68 0.06 -8.29 -19.23
C ASN A 68 -0.14 -8.18 -17.72
N THR A 69 0.88 -8.45 -16.94
CA THR A 69 0.82 -8.29 -15.47
C THR A 69 1.97 -7.41 -15.04
N TYR A 70 1.64 -6.29 -14.39
CA TYR A 70 2.59 -5.29 -13.92
C TYR A 70 2.80 -5.43 -12.44
N ASN A 71 3.96 -5.08 -11.95
CA ASN A 71 4.28 -5.05 -10.51
C ASN A 71 4.20 -3.60 -10.08
N ILE A 72 3.04 -3.15 -9.68
CA ILE A 72 2.74 -1.75 -9.38
C ILE A 72 3.24 -1.40 -8.00
N PRO A 73 4.12 -0.38 -7.86
CA PRO A 73 4.69 -0.03 -6.58
C PRO A 73 3.79 0.81 -5.69
N ILE A 74 3.65 0.34 -4.46
CA ILE A 74 2.78 1.00 -3.48
C ILE A 74 3.46 1.13 -2.14
N CYS A 75 2.85 1.94 -1.26
CA CYS A 75 3.20 2.03 0.16
C CYS A 75 1.92 2.22 0.98
N LEU A 76 1.67 1.33 1.92
CA LEU A 76 0.47 1.41 2.80
C LEU A 76 0.98 1.62 4.22
N TRP A 77 0.64 2.76 4.75
CA TRP A 77 1.02 3.15 6.13
C TRP A 77 -0.09 2.75 7.09
N LEU A 78 0.29 2.08 8.17
N LEU A 78 0.17 1.95 8.12
CA LEU A 78 -0.68 1.69 9.22
CA LEU A 78 -0.86 1.61 9.14
C LEU A 78 -0.56 2.65 10.40
C LEU A 78 -0.66 2.52 10.37
N LEU A 79 -1.65 3.35 10.71
CA LEU A 79 -1.65 4.20 11.94
C LEU A 79 -1.62 3.29 13.19
N ASP A 80 -1.14 3.85 14.31
CA ASP A 80 -0.97 3.06 15.55
C ASP A 80 -2.33 2.67 16.15
N THR A 81 -3.43 3.13 15.57
CA THR A 81 -4.81 2.72 15.93
C THR A 81 -5.33 1.66 14.96
N TYR A 82 -4.51 1.15 14.04
CA TYR A 82 -4.95 0.09 13.10
C TYR A 82 -5.47 -1.06 13.96
N PRO A 83 -6.60 -1.77 13.62
CA PRO A 83 -7.40 -1.61 12.39
C PRO A 83 -8.63 -0.71 12.39
N TYR A 84 -8.68 0.22 13.35
CA TYR A 84 -9.90 1.05 13.53
C TYR A 84 -9.85 2.32 12.69
N ASN A 85 -8.68 2.65 12.12
CA ASN A 85 -8.63 3.72 11.10
C ASN A 85 -7.96 3.16 9.85
N PRO A 86 -8.35 3.62 8.65
CA PRO A 86 -7.80 3.04 7.43
C PRO A 86 -6.32 3.40 7.27
N PRO A 87 -5.60 2.56 6.50
CA PRO A 87 -4.24 2.87 6.11
C PRO A 87 -4.19 4.09 5.20
N ILE A 88 -3.04 4.77 5.22
CA ILE A 88 -2.78 5.89 4.27
CA ILE A 88 -2.73 5.90 4.31
C ILE A 88 -1.93 5.32 3.14
N CYS A 89 -2.45 5.43 1.93
CA CYS A 89 -1.98 4.61 0.81
C CYS A 89 -1.50 5.49 -0.32
N PHE A 90 -0.37 5.06 -0.87
CA PHE A 90 0.32 5.77 -1.97
C PHE A 90 0.79 4.82 -3.06
N VAL A 91 0.72 5.34 -4.27
N VAL A 91 0.66 5.25 -4.30
CA VAL A 91 1.44 4.81 -5.45
CA VAL A 91 1.45 4.66 -5.42
C VAL A 91 2.84 5.41 -5.39
C VAL A 91 2.79 5.37 -5.45
N LYS A 92 3.85 4.59 -5.60
CA LYS A 92 5.25 5.04 -5.46
C LYS A 92 6.00 4.85 -6.78
N PRO A 93 5.83 5.77 -7.75
CA PRO A 93 6.52 5.60 -9.03
C PRO A 93 8.02 5.56 -8.85
N THR A 94 8.67 4.70 -9.65
CA THR A 94 10.16 4.69 -9.77
C THR A 94 10.56 5.89 -10.61
N SER A 95 11.86 6.11 -10.72
CA SER A 95 12.43 7.17 -11.58
C SER A 95 12.03 7.00 -13.06
N SER A 96 11.68 5.80 -13.49
CA SER A 96 11.26 5.50 -14.88
C SER A 96 9.73 5.51 -15.01
N MET A 97 8.96 6.06 -14.04
CA MET A 97 7.50 6.06 -14.10
C MET A 97 6.97 7.45 -13.86
N THR A 98 5.74 7.65 -14.26
CA THR A 98 4.93 8.85 -13.98
C THR A 98 3.55 8.42 -13.47
N ILE A 99 2.99 9.21 -12.62
CA ILE A 99 1.64 8.95 -12.02
C ILE A 99 0.59 9.35 -13.00
N LYS A 100 -0.44 8.52 -13.14
CA LYS A 100 -1.64 8.84 -13.92
C LYS A 100 -2.74 9.23 -12.95
N THR A 101 -3.11 10.51 -12.89
CA THR A 101 -4.08 11.03 -11.92
C THR A 101 -5.47 10.72 -12.41
N GLY A 102 -6.39 10.64 -11.46
CA GLY A 102 -7.84 10.48 -11.70
C GLY A 102 -8.60 10.52 -10.39
N LYS A 103 -9.81 9.99 -10.37
CA LYS A 103 -10.67 10.10 -9.17
C LYS A 103 -10.08 9.26 -8.02
N HIS A 104 -9.18 8.32 -8.30
CA HIS A 104 -8.61 7.47 -7.21
C HIS A 104 -7.15 7.80 -6.89
N VAL A 105 -6.52 8.66 -7.68
CA VAL A 105 -5.06 8.93 -7.48
C VAL A 105 -4.77 10.39 -7.74
N ASP A 106 -4.12 11.08 -6.80
CA ASP A 106 -3.76 12.51 -6.99
C ASP A 106 -2.31 12.61 -7.47
N ALA A 107 -1.86 13.82 -7.73
CA ALA A 107 -0.55 14.04 -8.37
C ALA A 107 0.57 13.67 -7.43
N ASN A 108 0.28 13.58 -6.13
CA ASN A 108 1.28 13.11 -5.14
C ASN A 108 1.27 11.59 -5.06
N GLY A 109 0.38 10.91 -5.77
CA GLY A 109 0.27 9.45 -5.67
C GLY A 109 -0.62 8.98 -4.52
N LYS A 110 -1.29 9.88 -3.79
CA LYS A 110 -2.18 9.40 -2.74
C LYS A 110 -3.43 8.74 -3.35
N ILE A 111 -3.77 7.60 -2.77
CA ILE A 111 -4.95 6.80 -3.22
C ILE A 111 -6.22 7.21 -2.45
N TYR A 112 -7.31 7.32 -3.19
CA TYR A 112 -8.65 7.67 -2.68
C TYR A 112 -9.56 6.57 -3.16
N LEU A 113 -10.27 5.94 -2.24
CA LEU A 113 -11.21 4.85 -2.57
C LEU A 113 -12.39 4.93 -1.61
N PRO A 114 -13.59 4.54 -2.09
CA PRO A 114 -14.69 4.26 -1.18
C PRO A 114 -14.30 3.30 -0.06
N TYR A 115 -13.45 2.29 -0.34
CA TYR A 115 -13.06 1.32 0.69
C TYR A 115 -12.42 2.02 1.90
N LEU A 116 -11.60 3.02 1.59
CA LEU A 116 -10.92 3.79 2.67
C LEU A 116 -11.88 4.77 3.35
N HIS A 117 -12.73 5.42 2.58
CA HIS A 117 -13.69 6.44 3.09
C HIS A 117 -14.66 5.74 4.04
N GLU A 118 -15.09 4.53 3.68
CA GLU A 118 -16.15 3.76 4.38
C GLU A 118 -15.51 2.78 5.37
N TRP A 119 -14.19 2.83 5.60
CA TRP A 119 -13.46 1.87 6.44
C TRP A 119 -14.15 1.63 7.79
N LYS A 120 -14.36 0.39 8.13
CA LYS A 120 -14.89 0.00 9.46
C LYS A 120 -14.38 -1.39 9.76
N HIS A 121 -13.68 -1.60 10.84
CA HIS A 121 -13.32 -2.93 11.35
C HIS A 121 -14.60 -3.54 11.91
N PRO A 122 -14.90 -4.84 11.67
CA PRO A 122 -14.07 -5.80 10.93
C PRO A 122 -14.45 -6.08 9.46
N GLN A 123 -15.42 -5.37 8.92
CA GLN A 123 -15.88 -5.54 7.52
C GLN A 123 -14.68 -5.24 6.60
N SER A 124 -13.93 -4.20 6.93
CA SER A 124 -12.79 -3.71 6.11
C SER A 124 -11.54 -4.37 6.63
N ASP A 125 -10.65 -4.83 5.76
CA ASP A 125 -9.33 -5.33 6.19
C ASP A 125 -8.28 -5.09 5.10
N LEU A 126 -7.05 -5.41 5.43
CA LEU A 126 -5.92 -5.00 4.56
C LEU A 126 -5.99 -5.84 3.28
N LEU A 127 -6.31 -7.13 3.38
CA LEU A 127 -6.42 -7.99 2.19
C LEU A 127 -7.55 -7.48 1.30
N GLY A 128 -8.71 -7.14 1.82
CA GLY A 128 -9.79 -6.58 0.99
C GLY A 128 -9.36 -5.28 0.29
N LEU A 129 -8.58 -4.44 0.99
CA LEU A 129 -8.05 -3.20 0.35
C LEU A 129 -7.12 -3.55 -0.82
N ILE A 130 -6.23 -4.51 -0.66
CA ILE A 130 -5.34 -4.90 -1.77
C ILE A 130 -6.20 -5.41 -2.90
N GLN A 131 -7.24 -6.21 -2.61
CA GLN A 131 -8.06 -6.78 -3.70
C GLN A 131 -8.75 -5.68 -4.48
N VAL A 132 -9.33 -4.64 -3.85
CA VAL A 132 -9.99 -3.55 -4.64
C VAL A 132 -8.92 -2.69 -5.37
N MET A 133 -7.80 -2.47 -4.76
CA MET A 133 -6.70 -1.77 -5.45
C MET A 133 -6.36 -2.51 -6.75
N ILE A 134 -6.23 -3.82 -6.74
CA ILE A 134 -5.86 -4.61 -7.94
C ILE A 134 -6.98 -4.45 -8.95
N VAL A 135 -8.26 -4.53 -8.56
CA VAL A 135 -9.39 -4.33 -9.50
C VAL A 135 -9.35 -2.92 -10.10
N VAL A 136 -9.20 -1.88 -9.27
CA VAL A 136 -9.24 -0.49 -9.76
C VAL A 136 -8.03 -0.23 -10.67
N PHE A 137 -6.84 -0.63 -10.27
CA PHE A 137 -5.62 -0.36 -11.08
C PHE A 137 -5.67 -1.18 -12.35
N GLY A 138 -6.30 -2.34 -12.38
CA GLY A 138 -6.39 -3.12 -13.63
C GLY A 138 -7.31 -2.43 -14.60
N ASP A 139 -8.30 -1.70 -14.11
CA ASP A 139 -9.20 -0.88 -14.96
C ASP A 139 -8.41 0.32 -15.45
N GLU A 140 -7.67 1.00 -14.55
CA GLU A 140 -6.98 2.28 -14.83
C GLU A 140 -5.63 2.26 -14.13
N PRO A 141 -4.52 1.86 -14.78
CA PRO A 141 -3.24 1.80 -14.08
C PRO A 141 -2.81 3.18 -13.58
N PRO A 142 -2.29 3.23 -12.35
CA PRO A 142 -2.05 4.53 -11.71
C PRO A 142 -0.66 5.06 -12.01
N VAL A 143 0.12 4.26 -12.71
CA VAL A 143 1.48 4.65 -13.15
C VAL A 143 1.69 4.08 -14.52
N PHE A 144 2.47 4.81 -15.31
CA PHE A 144 2.98 4.43 -16.66
C PHE A 144 4.47 4.59 -16.69
N SER A 145 5.16 3.70 -17.40
CA SER A 145 6.64 3.74 -17.59
C SER A 145 6.94 4.64 -18.81
N ARG A 146 8.22 4.78 -19.14
N ARG A 146 8.23 4.85 -19.12
CA ARG A 146 8.62 5.72 -20.21
CA ARG A 146 8.66 5.78 -20.20
C ARG A 146 8.14 5.20 -21.56
C ARG A 146 8.24 5.22 -21.55
N PRO A 147 7.75 6.07 -22.49
CA PRO A 147 7.27 5.59 -23.78
C PRO A 147 8.27 4.75 -24.55
N THR B 1 8.90 -9.39 -8.47
CA THR B 1 10.19 -9.14 -9.23
C THR B 1 10.60 -7.67 -9.04
N SER B 2 10.78 -6.94 -10.13
CA SER B 2 11.06 -5.48 -10.11
C SER B 2 9.76 -4.75 -10.41
N PRO B 3 9.59 -3.51 -9.91
CA PRO B 3 8.44 -2.67 -10.26
C PRO B 3 8.36 -2.56 -11.78
N SER B 4 7.15 -2.56 -12.31
CA SER B 4 6.92 -2.36 -13.74
C SER B 4 5.57 -1.70 -13.96
N ALA B 5 5.38 -1.05 -15.08
CA ALA B 5 4.16 -0.31 -15.41
C ALA B 5 4.03 -0.26 -16.92
N PRO B 6 2.80 -0.22 -17.46
CA PRO B 6 2.63 -0.14 -18.89
C PRO B 6 3.31 1.12 -19.44
N PRO B 7 3.90 1.09 -20.64
CA PRO B 7 4.55 2.26 -21.19
C PRO B 7 3.53 3.33 -21.54
N LEU B 8 3.83 4.58 -21.20
CA LEU B 8 2.98 5.69 -21.53
C LEU B 8 2.95 5.84 -23.05
N PRO B 9 1.81 6.06 -23.72
CA PRO B 9 1.78 6.35 -25.15
C PRO B 9 2.64 7.57 -25.46
N PRO B 10 3.34 7.59 -26.61
CA PRO B 10 4.20 8.73 -26.93
C PRO B 10 3.38 9.99 -27.29
#